data_5E0G
#
_entry.id   5E0G
#
_cell.length_a   65.842
_cell.length_b   39.281
_cell.length_c   61.318
_cell.angle_alpha   90.000
_cell.angle_beta   108.730
_cell.angle_gamma   90.000
#
_symmetry.space_group_name_H-M   'C 1 2 1'
#
loop_
_entity.id
_entity.type
_entity.pdbx_description
1 polymer 'Norovirus 3C-like protease'
2 non-polymer 'CHLORIDE ION'
3 non-polymer '(phenylmethyl) ~{N}-[(8~{S},11~{S},14~{S})-8-(hydroxymethyl)-11-(2-methylpropyl)-5,10,13-tris(oxidanylidene)-1,4,9,12,17,18-hexazabicyclo[14.2.1]nonadeca-16(19),17-dien-14-yl]carbamate'
4 water water
#
_entity_poly.entity_id   1
_entity_poly.type   'polypeptide(L)'
_entity_poly.pdbx_seq_one_letter_code
;MHHHHHHAPPTLWSRVTKFGSGWGFWVSPTVFITTTHVVPTGVKEFFGEPLSSIAIHQAGEFTQFRFSKKMRPDLTGMVL
EEGCPEGTVCSVLIKRDSGELLPLAVRMGAIASMRIQGRLVHGQSGMLLTGANAKGMDLGTIPGDCGAPYVHKRGNDWVV
CGVHAAATKSGNTVVCAVQAGEGETALE
;
_entity_poly.pdbx_strand_id   A
#
loop_
_chem_comp.id
_chem_comp.type
_chem_comp.name
_chem_comp.formula
5LG peptide-like '(phenylmethyl) ~{N}-[(8~{S},11~{S},14~{S})-8-(hydroxymethyl)-11-(2-methylpropyl)-5,10,13-tris(oxidanylidene)-1,4,9,12,17,18-hexazabicyclo[14.2.1]nonadeca-16(19),17-dien-14-yl]carbamate' 'C26 H37 N7 O6'
CL non-polymer 'CHLORIDE ION' 'Cl -1'
#
# COMPACT_ATOMS: atom_id res chain seq x y z
N HIS A 6 -12.57 -6.31 11.67
CA HIS A 6 -13.08 -6.05 10.30
C HIS A 6 -12.23 -6.79 9.26
N HIS A 7 -12.80 -7.83 8.64
CA HIS A 7 -12.05 -8.65 7.69
C HIS A 7 -12.17 -8.06 6.29
N ALA A 8 -11.04 -7.76 5.69
CA ALA A 8 -11.04 -7.33 4.31
C ALA A 8 -11.68 -8.41 3.45
N PRO A 9 -12.67 -8.08 2.62
CA PRO A 9 -13.33 -9.13 1.83
C PRO A 9 -12.47 -9.61 0.67
N PRO A 10 -12.82 -10.75 0.07
CA PRO A 10 -12.00 -11.25 -1.05
C PRO A 10 -11.80 -10.25 -2.16
N THR A 11 -12.80 -9.45 -2.51
CA THR A 11 -12.59 -8.51 -3.60
C THR A 11 -11.52 -7.50 -3.25
N LEU A 12 -11.43 -7.11 -1.98
CA LEU A 12 -10.42 -6.14 -1.58
C LEU A 12 -9.03 -6.75 -1.70
N TRP A 13 -8.89 -8.01 -1.29
CA TRP A 13 -7.62 -8.69 -1.45
C TRP A 13 -7.25 -8.90 -2.93
N SER A 14 -8.24 -9.05 -3.81
CA SER A 14 -7.98 -9.25 -5.22
C SER A 14 -7.31 -8.05 -5.86
N ARG A 15 -7.31 -6.91 -5.17
CA ARG A 15 -6.64 -5.72 -5.64
C ARG A 15 -5.14 -5.75 -5.40
N VAL A 16 -4.68 -6.59 -4.48
CA VAL A 16 -3.28 -6.64 -4.09
C VAL A 16 -2.55 -7.48 -5.12
N THR A 17 -1.53 -6.90 -5.73
CA THR A 17 -0.94 -7.44 -6.94
C THR A 17 0.57 -7.45 -6.84
N LYS A 18 1.19 -8.55 -7.19
CA LYS A 18 2.64 -8.61 -7.19
C LYS A 18 3.17 -7.55 -8.15
N PHE A 19 4.22 -6.83 -7.74
CA PHE A 19 4.72 -5.73 -8.56
C PHE A 19 6.17 -5.48 -8.22
N GLY A 20 7.04 -5.58 -9.19
CA GLY A 20 8.42 -5.29 -8.91
C GLY A 20 8.94 -6.16 -7.79
N SER A 21 9.64 -5.54 -6.85
CA SER A 21 10.16 -6.27 -5.70
C SER A 21 9.19 -6.28 -4.54
N GLY A 22 7.91 -5.97 -4.78
CA GLY A 22 6.94 -5.98 -3.71
C GLY A 22 5.58 -6.19 -4.28
N TRP A 23 4.69 -5.27 -3.90
CA TRP A 23 3.28 -5.37 -4.22
C TRP A 23 2.80 -3.99 -4.59
N GLY A 24 1.63 -3.96 -5.21
CA GLY A 24 0.84 -2.76 -5.29
C GLY A 24 -0.62 -3.07 -5.20
N PHE A 25 -1.46 -2.05 -5.40
CA PHE A 25 -2.85 -2.15 -5.09
C PHE A 25 -3.69 -1.38 -6.10
N TRP A 26 -4.69 -2.04 -6.66
CA TRP A 26 -5.65 -1.37 -7.56
C TRP A 26 -6.71 -0.64 -6.75
N VAL A 27 -6.65 0.68 -6.77
CA VAL A 27 -7.65 1.54 -6.15
C VAL A 27 -8.92 1.53 -6.99
N SER A 28 -8.80 1.37 -8.30
CA SER A 28 -9.92 1.43 -9.21
C SER A 28 -9.50 0.67 -10.46
N PRO A 29 -10.34 0.60 -11.49
CA PRO A 29 -9.92 -0.11 -12.70
C PRO A 29 -8.72 0.51 -13.37
N THR A 30 -8.43 1.80 -13.12
CA THR A 30 -7.37 2.49 -13.80
C THR A 30 -6.25 2.96 -12.89
N VAL A 31 -6.42 2.93 -11.56
CA VAL A 31 -5.45 3.52 -10.65
C VAL A 31 -4.80 2.43 -9.82
N PHE A 32 -3.47 2.40 -9.87
CA PHE A 32 -2.63 1.43 -9.18
C PHE A 32 -1.64 2.20 -8.33
N ILE A 33 -1.49 1.80 -7.08
CA ILE A 33 -0.57 2.45 -6.17
C ILE A 33 0.44 1.47 -5.63
N THR A 34 1.61 1.98 -5.32
CA THR A 34 2.68 1.15 -4.79
C THR A 34 3.69 2.06 -4.10
N THR A 35 4.73 1.44 -3.54
CA THR A 35 5.82 2.17 -2.91
CA THR A 35 5.82 2.19 -2.92
C THR A 35 6.93 2.36 -3.93
N THR A 36 7.45 3.57 -4.02
CA THR A 36 8.33 3.91 -5.14
C THR A 36 9.53 2.98 -5.25
N HIS A 37 10.15 2.62 -4.11
CA HIS A 37 11.37 1.82 -4.22
C HIS A 37 11.15 0.41 -4.73
N VAL A 38 9.91 -0.08 -4.81
CA VAL A 38 9.70 -1.41 -5.37
C VAL A 38 9.46 -1.36 -6.87
N VAL A 39 9.26 -0.18 -7.45
CA VAL A 39 8.92 -0.05 -8.87
C VAL A 39 10.14 -0.39 -9.71
N PRO A 40 10.04 -1.26 -10.71
CA PRO A 40 11.18 -1.48 -11.61
C PRO A 40 11.48 -0.24 -12.43
N THR A 41 12.76 -0.04 -12.74
CA THR A 41 13.15 1.10 -13.56
C THR A 41 13.74 0.62 -14.87
N GLY A 42 13.82 1.54 -15.83
CA GLY A 42 14.30 1.19 -17.15
C GLY A 42 13.39 0.27 -17.92
N VAL A 43 12.10 0.23 -17.61
CA VAL A 43 11.14 -0.62 -18.29
C VAL A 43 10.32 0.23 -19.25
N LYS A 44 9.75 -0.40 -20.26
CA LYS A 44 8.97 0.30 -21.28
C LYS A 44 7.48 0.19 -21.05
N GLU A 45 7.06 -0.54 -20.04
CA GLU A 45 5.65 -0.79 -19.85
C GLU A 45 5.46 -1.26 -18.43
N PHE A 46 4.24 -1.11 -17.96
CA PHE A 46 3.76 -1.73 -16.74
C PHE A 46 2.48 -2.45 -17.10
N PHE A 47 2.39 -3.71 -16.71
CA PHE A 47 1.22 -4.55 -17.01
C PHE A 47 0.89 -4.51 -18.49
N GLY A 48 1.93 -4.46 -19.33
CA GLY A 48 1.78 -4.51 -20.76
C GLY A 48 1.47 -3.18 -21.40
N GLU A 49 1.22 -2.14 -20.62
CA GLU A 49 0.84 -0.85 -21.16
C GLU A 49 2.06 0.02 -21.30
N PRO A 50 2.19 0.70 -22.44
CA PRO A 50 3.36 1.54 -22.65
C PRO A 50 3.34 2.72 -21.68
N LEU A 51 4.55 3.19 -21.37
CA LEU A 51 4.69 4.35 -20.49
C LEU A 51 3.87 5.52 -20.99
N SER A 52 3.78 5.70 -22.31
CA SER A 52 3.09 6.85 -22.85
C SER A 52 1.61 6.85 -22.55
N SER A 53 1.06 5.72 -22.14
CA SER A 53 -0.36 5.62 -21.80
C SER A 53 -0.63 5.62 -20.30
N ILE A 54 0.38 5.93 -19.49
CA ILE A 54 0.25 5.90 -18.03
C ILE A 54 0.62 7.27 -17.49
N ALA A 55 -0.23 7.83 -16.65
CA ALA A 55 0.12 9.05 -15.93
C ALA A 55 0.72 8.64 -14.60
N ILE A 56 1.94 9.01 -14.36
CA ILE A 56 2.65 8.63 -13.15
C ILE A 56 2.69 9.83 -12.24
N HIS A 57 2.44 9.62 -10.96
CA HIS A 57 2.54 10.69 -9.97
C HIS A 57 3.19 10.04 -8.76
N GLN A 58 4.44 10.38 -8.50
CA GLN A 58 5.12 9.84 -7.34
C GLN A 58 5.84 10.92 -6.58
N ALA A 59 5.86 10.75 -5.28
CA ALA A 59 6.55 11.67 -4.38
C ALA A 59 6.61 10.99 -3.03
N GLY A 60 7.72 11.17 -2.31
CA GLY A 60 7.75 10.75 -0.91
C GLY A 60 7.55 9.27 -0.68
N GLU A 61 7.99 8.44 -1.63
CA GLU A 61 7.90 6.98 -1.66
C GLU A 61 6.51 6.46 -1.99
N PHE A 62 5.57 7.32 -2.32
CA PHE A 62 4.28 6.91 -2.82
C PHE A 62 4.25 7.05 -4.34
N THR A 63 3.90 5.99 -5.04
CA THR A 63 3.74 6.02 -6.49
C THR A 63 2.31 5.68 -6.87
N GLN A 64 1.74 6.49 -7.74
CA GLN A 64 0.45 6.25 -8.36
C GLN A 64 0.62 6.16 -9.87
N PHE A 65 0.01 5.16 -10.46
CA PHE A 65 -0.12 5.02 -11.91
CA PHE A 65 -0.11 5.02 -11.91
C PHE A 65 -1.58 5.15 -12.25
N ARG A 66 -1.90 5.97 -13.23
CA ARG A 66 -3.25 6.04 -13.75
C ARG A 66 -3.18 5.62 -15.20
N PHE A 67 -3.72 4.46 -15.51
CA PHE A 67 -3.69 3.91 -16.85
C PHE A 67 -4.77 4.55 -17.68
N SER A 68 -4.48 4.70 -18.97
CA SER A 68 -5.44 5.29 -19.90
CA SER A 68 -5.46 5.32 -19.86
C SER A 68 -6.57 4.34 -20.18
N LYS A 69 -6.32 3.03 -20.09
CA LYS A 69 -7.39 2.07 -20.28
C LYS A 69 -7.72 1.38 -18.97
N LYS A 70 -8.97 0.94 -18.88
CA LYS A 70 -9.42 0.16 -17.75
C LYS A 70 -8.67 -1.16 -17.71
N MET A 71 -7.84 -1.32 -16.72
CA MET A 71 -7.04 -2.53 -16.57
C MET A 71 -7.71 -3.59 -15.69
N ARG A 72 -8.51 -3.16 -14.72
CA ARG A 72 -9.17 -4.05 -13.77
C ARG A 72 -10.63 -3.65 -13.68
N PRO A 73 -11.38 -3.81 -14.78
CA PRO A 73 -12.81 -3.41 -14.78
C PRO A 73 -13.66 -4.21 -13.83
N ASP A 74 -13.16 -5.32 -13.29
CA ASP A 74 -13.86 -6.02 -12.23
C ASP A 74 -14.00 -5.20 -10.95
N LEU A 75 -13.20 -4.17 -10.77
CA LEU A 75 -13.16 -3.46 -9.50
C LEU A 75 -14.00 -2.20 -9.52
N THR A 76 -14.63 -1.90 -8.39
CA THR A 76 -15.16 -0.57 -8.16
C THR A 76 -14.02 0.38 -7.79
N GLY A 77 -14.24 1.68 -7.97
CA GLY A 77 -13.31 2.65 -7.47
C GLY A 77 -13.53 2.84 -5.99
N MET A 78 -12.47 2.86 -5.22
CA MET A 78 -12.60 3.12 -3.80
C MET A 78 -11.84 4.38 -3.45
N VAL A 79 -12.05 4.86 -2.24
CA VAL A 79 -11.43 6.10 -1.80
C VAL A 79 -10.00 5.83 -1.38
N LEU A 80 -9.10 6.65 -1.90
CA LEU A 80 -7.72 6.78 -1.48
C LEU A 80 -7.57 8.10 -0.74
N GLU A 81 -7.11 8.05 0.50
CA GLU A 81 -6.87 9.23 1.31
C GLU A 81 -5.40 9.33 1.68
N GLU A 82 -4.96 10.55 2.02
CA GLU A 82 -3.59 10.80 2.47
C GLU A 82 -3.50 10.45 3.94
N GLY A 83 -3.19 9.20 4.21
CA GLY A 83 -3.18 8.74 5.58
C GLY A 83 -4.57 8.71 6.18
N CYS A 84 -4.58 8.53 7.49
CA CYS A 84 -5.84 8.39 8.21
C CYS A 84 -5.74 9.11 9.54
N PRO A 85 -6.85 9.33 10.23
CA PRO A 85 -6.77 10.00 11.52
C PRO A 85 -5.91 9.21 12.49
N GLU A 86 -5.17 9.94 13.34
CA GLU A 86 -4.36 9.27 14.35
C GLU A 86 -5.27 8.40 15.18
N GLY A 87 -4.79 7.22 15.51
CA GLY A 87 -5.53 6.25 16.29
C GLY A 87 -6.33 5.27 15.48
N THR A 88 -6.46 5.49 14.18
CA THR A 88 -7.15 4.53 13.32
C THR A 88 -6.39 3.21 13.34
N VAL A 89 -7.12 2.12 13.41
CA VAL A 89 -6.54 0.80 13.25
C VAL A 89 -6.68 0.42 11.78
N CYS A 90 -5.56 0.19 11.12
CA CYS A 90 -5.54 -0.24 9.75
C CYS A 90 -5.16 -1.70 9.68
N SER A 91 -5.48 -2.27 8.55
CA SER A 91 -4.97 -3.58 8.17
CA SER A 91 -4.96 -3.58 8.17
C SER A 91 -4.02 -3.38 7.02
N VAL A 92 -2.83 -3.95 7.11
CA VAL A 92 -1.87 -3.96 6.02
C VAL A 92 -2.08 -5.28 5.29
N LEU A 93 -2.45 -5.19 4.02
CA LEU A 93 -2.88 -6.38 3.28
C LEU A 93 -1.68 -7.04 2.64
N ILE A 94 -0.95 -7.80 3.44
CA ILE A 94 0.24 -8.50 2.99
C ILE A 94 -0.17 -9.84 2.42
N LYS A 95 0.28 -10.12 1.21
CA LYS A 95 0.14 -11.40 0.58
C LYS A 95 1.52 -12.02 0.53
N ARG A 96 1.55 -13.33 0.51
CA ARG A 96 2.79 -14.03 0.22
C ARG A 96 2.65 -14.71 -1.13
N ASP A 97 3.79 -15.19 -1.61
CA ASP A 97 3.84 -15.73 -2.98
C ASP A 97 2.90 -16.90 -3.18
N SER A 98 2.65 -17.68 -2.14
CA SER A 98 1.73 -18.80 -2.27
C SER A 98 0.30 -18.37 -2.49
N GLY A 99 -0.01 -17.10 -2.22
CA GLY A 99 -1.37 -16.60 -2.21
C GLY A 99 -1.99 -16.51 -0.83
N GLU A 100 -1.27 -16.97 0.18
CA GLU A 100 -1.73 -16.84 1.55
C GLU A 100 -1.86 -15.36 1.88
N LEU A 101 -2.91 -15.05 2.62
CA LEU A 101 -3.25 -13.68 3.01
C LEU A 101 -2.86 -13.47 4.46
N LEU A 102 -2.07 -12.43 4.75
CA LEU A 102 -1.56 -12.22 6.10
C LEU A 102 -1.82 -10.79 6.52
N PRO A 103 -3.05 -10.45 6.87
CA PRO A 103 -3.34 -9.06 7.25
C PRO A 103 -2.63 -8.72 8.56
N LEU A 104 -2.05 -7.54 8.61
CA LEU A 104 -1.33 -7.07 9.80
C LEU A 104 -2.09 -5.90 10.37
N ALA A 105 -2.49 -5.98 11.64
CA ALA A 105 -3.21 -4.90 12.29
C ALA A 105 -2.22 -3.92 12.88
N VAL A 106 -2.44 -2.64 12.62
CA VAL A 106 -1.54 -1.55 13.01
CA VAL A 106 -1.54 -1.57 13.06
C VAL A 106 -2.37 -0.39 13.54
N ARG A 107 -1.90 0.24 14.61
CA ARG A 107 -2.51 1.46 15.14
C ARG A 107 -1.70 2.63 14.61
N MET A 108 -2.36 3.56 13.94
CA MET A 108 -1.66 4.61 13.23
C MET A 108 -1.40 5.81 14.13
N GLY A 109 -0.25 6.40 13.90
CA GLY A 109 0.20 7.59 14.57
C GLY A 109 0.27 8.78 13.65
N ALA A 110 1.31 9.59 13.77
CA ALA A 110 1.33 10.88 13.10
C ALA A 110 1.76 10.74 11.65
N ILE A 111 1.18 11.59 10.80
CA ILE A 111 1.63 11.78 9.42
C ILE A 111 2.77 12.79 9.46
N ALA A 112 3.87 12.46 8.79
CA ALA A 112 5.01 13.38 8.81
C ALA A 112 5.92 13.07 7.63
N SER A 113 6.82 13.99 7.36
CA SER A 113 7.89 13.76 6.40
C SER A 113 9.12 13.29 7.16
N MET A 114 9.72 12.21 6.68
CA MET A 114 10.85 11.58 7.33
C MET A 114 11.88 11.27 6.25
N ARG A 115 13.10 10.99 6.69
CA ARG A 115 14.14 10.45 5.84
C ARG A 115 14.44 9.04 6.34
N ILE A 116 14.37 8.08 5.44
CA ILE A 116 14.60 6.67 5.77
C ILE A 116 15.59 6.13 4.75
N GLN A 117 16.75 5.67 5.23
CA GLN A 117 17.82 5.25 4.33
C GLN A 117 18.08 6.31 3.27
N GLY A 118 18.11 7.56 3.70
CA GLY A 118 18.35 8.68 2.81
C GLY A 118 17.23 8.98 1.85
N ARG A 119 16.16 8.19 1.83
CA ARG A 119 15.03 8.49 0.96
C ARG A 119 14.01 9.30 1.74
N LEU A 120 13.48 10.33 1.10
CA LEU A 120 12.37 11.09 1.68
C LEU A 120 11.10 10.23 1.65
N VAL A 121 10.52 10.01 2.82
CA VAL A 121 9.27 9.30 2.93
C VAL A 121 8.25 10.27 3.50
N HIS A 122 7.22 10.56 2.73
CA HIS A 122 6.06 11.28 3.27
C HIS A 122 5.10 10.21 3.73
N GLY A 123 4.97 10.06 5.04
CA GLY A 123 4.35 8.85 5.51
C GLY A 123 3.60 9.03 6.81
N GLN A 124 3.07 7.92 7.27
CA GLN A 124 2.39 7.87 8.55
C GLN A 124 3.00 6.71 9.31
N SER A 125 3.43 6.98 10.54
CA SER A 125 3.96 5.94 11.40
CA SER A 125 3.96 5.91 11.37
C SER A 125 2.80 5.18 12.03
N GLY A 126 3.07 3.95 12.41
CA GLY A 126 2.11 3.16 13.14
C GLY A 126 2.84 2.13 13.98
N MET A 127 2.07 1.54 14.87
CA MET A 127 2.59 0.51 15.75
C MET A 127 1.85 -0.77 15.52
N LEU A 128 2.59 -1.83 15.33
CA LEU A 128 2.00 -3.14 15.19
C LEU A 128 1.23 -3.45 16.47
N LEU A 129 0.02 -3.99 16.29
CA LEU A 129 -0.79 -4.41 17.43
C LEU A 129 -0.43 -5.86 17.74
N THR A 130 0.46 -6.04 18.71
CA THR A 130 0.82 -7.40 19.15
C THR A 130 -0.43 -8.23 19.46
N GLY A 131 -1.44 -7.60 20.06
CA GLY A 131 -2.63 -8.30 20.51
C GLY A 131 -3.66 -8.61 19.46
N ALA A 132 -3.44 -8.18 18.22
CA ALA A 132 -4.40 -8.41 17.15
C ALA A 132 -3.79 -9.20 16.01
N ASN A 133 -2.60 -9.72 16.21
CA ASN A 133 -1.85 -10.40 15.17
C ASN A 133 -1.35 -11.71 15.74
N ALA A 134 -1.21 -12.71 14.87
CA ALA A 134 -0.63 -13.98 15.25
C ALA A 134 0.88 -13.86 15.34
N LYS A 135 1.48 -14.62 16.27
CA LYS A 135 2.90 -14.51 16.54
C LYS A 135 3.72 -15.26 15.49
N GLY A 136 4.82 -14.66 15.07
CA GLY A 136 5.79 -15.31 14.21
C GLY A 136 5.45 -15.28 12.73
N LEU A 139 6.30 -10.51 9.17
CA LEU A 139 5.27 -9.69 8.53
C LEU A 139 5.58 -8.20 8.58
N GLY A 140 5.68 -7.63 7.38
CA GLY A 140 6.09 -6.26 7.21
C GLY A 140 7.58 -6.06 7.28
N THR A 141 8.34 -7.11 7.59
CA THR A 141 9.77 -7.00 7.88
C THR A 141 10.64 -7.77 6.89
N ILE A 142 10.13 -8.00 5.68
CA ILE A 142 10.95 -8.56 4.61
C ILE A 142 10.80 -7.63 3.41
N PRO A 143 11.81 -7.51 2.53
CA PRO A 143 11.68 -6.55 1.41
C PRO A 143 10.44 -6.78 0.57
N GLY A 144 10.02 -8.03 0.45
CA GLY A 144 8.93 -8.36 -0.43
C GLY A 144 7.60 -7.83 0.02
N ASP A 145 7.48 -7.37 1.28
CA ASP A 145 6.20 -6.85 1.76
C ASP A 145 5.95 -5.39 1.40
N CYS A 146 6.92 -4.66 0.88
CA CYS A 146 6.68 -3.26 0.59
C CYS A 146 5.69 -3.12 -0.56
N GLY A 147 4.89 -2.07 -0.47
CA GLY A 147 3.82 -1.80 -1.40
C GLY A 147 2.46 -2.30 -0.94
N ALA A 148 2.43 -3.15 0.07
CA ALA A 148 1.16 -3.63 0.56
C ALA A 148 0.31 -2.47 1.08
N PRO A 149 -0.98 -2.47 0.81
CA PRO A 149 -1.81 -1.31 1.15
C PRO A 149 -2.22 -1.34 2.61
N TYR A 150 -2.38 -0.13 3.16
CA TYR A 150 -2.96 0.09 4.48
C TYR A 150 -4.40 0.49 4.25
N VAL A 151 -5.33 -0.28 4.79
CA VAL A 151 -6.75 -0.05 4.59
C VAL A 151 -7.48 0.00 5.92
N HIS A 152 -8.62 0.65 5.93
CA HIS A 152 -9.49 0.62 7.10
C HIS A 152 -10.92 0.75 6.62
N LYS A 153 -11.84 0.29 7.44
CA LYS A 153 -13.23 0.28 7.05
C LYS A 153 -13.91 1.46 7.73
N ARG A 154 -14.55 2.30 6.91
CA ARG A 154 -15.28 3.46 7.36
C ARG A 154 -16.73 3.26 6.92
N GLY A 155 -17.60 2.99 7.87
CA GLY A 155 -18.96 2.63 7.51
C GLY A 155 -18.95 1.27 6.86
N ASN A 156 -19.66 1.14 5.75
CA ASN A 156 -19.66 -0.10 4.99
C ASN A 156 -18.58 -0.15 3.92
N ASP A 157 -17.72 0.87 3.85
CA ASP A 157 -16.76 0.99 2.77
C ASP A 157 -15.34 0.90 3.30
N TRP A 158 -14.48 0.32 2.48
CA TRP A 158 -13.07 0.29 2.80
C TRP A 158 -12.38 1.46 2.13
N VAL A 159 -11.43 2.03 2.83
CA VAL A 159 -10.61 3.16 2.42
CA VAL A 159 -10.62 3.08 2.25
C VAL A 159 -9.17 2.67 2.37
N VAL A 160 -8.40 3.11 1.38
CA VAL A 160 -6.98 2.85 1.36
C VAL A 160 -6.27 4.16 1.66
N CYS A 161 -5.25 4.11 2.50
CA CYS A 161 -4.63 5.34 2.94
C CYS A 161 -3.12 5.35 2.90
N GLY A 162 -2.48 4.29 2.42
CA GLY A 162 -1.05 4.29 2.30
C GLY A 162 -0.55 2.96 1.77
N VAL A 163 0.74 2.90 1.54
CA VAL A 163 1.43 1.71 1.06
C VAL A 163 2.65 1.43 1.94
N HIS A 164 2.90 0.17 2.23
CA HIS A 164 3.94 -0.16 3.19
C HIS A 164 5.31 0.25 2.67
N ALA A 165 6.05 1.02 3.48
CA ALA A 165 7.33 1.55 3.04
C ALA A 165 8.49 1.19 3.94
N ALA A 166 8.26 1.04 5.24
CA ALA A 166 9.37 0.89 6.17
C ALA A 166 8.88 0.24 7.44
N ALA A 167 9.83 -0.36 8.16
CA ALA A 167 9.52 -0.91 9.46
C ALA A 167 10.84 -1.12 10.17
N THR A 168 10.81 -1.05 11.50
CA THR A 168 11.97 -1.37 12.29
C THR A 168 12.30 -2.85 12.14
N LYS A 169 13.50 -3.23 12.59
CA LYS A 169 13.94 -4.61 12.48
C LYS A 169 12.93 -5.57 13.10
N SER A 170 12.36 -5.19 14.25
CA SER A 170 11.39 -6.02 14.95
C SER A 170 10.03 -6.02 14.30
N GLY A 171 9.75 -5.06 13.41
CA GLY A 171 8.42 -4.86 12.88
C GLY A 171 7.46 -4.14 13.80
N ASN A 172 7.88 -3.73 15.00
CA ASN A 172 6.95 -3.13 15.94
C ASN A 172 6.51 -1.74 15.53
N THR A 173 7.33 -1.02 14.78
CA THR A 173 6.97 0.30 14.27
C THR A 173 7.06 0.24 12.76
N VAL A 174 6.01 0.70 12.10
CA VAL A 174 5.92 0.67 10.64
C VAL A 174 5.68 2.07 10.13
N VAL A 175 5.90 2.24 8.83
CA VAL A 175 5.56 3.48 8.13
C VAL A 175 4.94 3.13 6.79
N CYS A 176 3.80 3.72 6.52
CA CYS A 176 3.27 3.71 5.16
C CYS A 176 3.54 5.04 4.48
N ALA A 177 3.89 4.99 3.22
CA ALA A 177 3.92 6.19 2.42
C ALA A 177 2.49 6.59 2.11
N VAL A 178 2.28 7.92 2.04
CA VAL A 178 0.95 8.47 1.81
C VAL A 178 1.04 9.49 0.70
N GLN A 179 -0.08 9.65 -0.01
CA GLN A 179 -0.14 10.51 -1.18
C GLN A 179 -0.45 11.93 -0.75
N ALA A 180 0.41 12.86 -1.14
CA ALA A 180 0.20 14.26 -0.82
C ALA A 180 -0.72 14.89 -1.87
CL CL B . -13.47 -4.25 -2.95
C30 5LG C . 13.98 1.93 9.57
O39 5LG C . 13.24 2.02 10.74
O31 5LG C . 14.80 2.74 9.27
N15 5LG C . 11.82 -3.93 7.72
C16 5LG C . 12.61 -5.02 8.30
C17 5LG C . 14.06 -4.98 7.88
N26 5LG C . 14.61 -3.66 8.15
O01 5LG C . 12.30 -0.06 6.60
C02 5LG C . 13.37 0.41 6.35
C22 5LG C . 14.37 0.82 7.41
C23 5LG C . 15.60 -0.08 7.43
C24 5LG C . 15.30 -1.48 7.96
C25 5LG C . 14.69 -2.60 7.32
N27 5LG C . 15.16 -3.24 9.26
N28 5LG C . 15.57 -1.98 9.16
N29 5LG C . 13.73 0.80 8.70
N10 5LG C . 11.20 -1.43 3.50
C11 5LG C . 10.75 -2.81 3.42
C12 5LG C . 9.78 -3.04 4.57
C13 5LG C . 10.44 -2.87 5.94
C14 5LG C . 11.25 -4.07 6.42
O18 5LG C . 11.43 -5.07 5.78
C19 5LG C . 10.08 -3.03 2.07
O20 5LG C . 10.97 -2.88 1.01
N03 5LG C . 13.76 0.67 4.99
C04 5LG C . 12.86 0.35 3.91
C09 5LG C . 12.55 -1.13 3.88
O21 5LG C . 13.35 -1.97 4.14
C05 5LG C . 13.42 0.77 2.56
C06 5LG C . 13.71 2.26 2.49
C07 5LG C . 14.35 2.57 1.13
C08 5LG C . 12.46 3.11 2.72
#